data_2R41
#
_entry.id   2R41
#
_cell.length_a   81.983
_cell.length_b   81.983
_cell.length_c   181.849
_cell.angle_alpha   90.00
_cell.angle_beta   90.00
_cell.angle_gamma   90.00
#
_symmetry.space_group_name_H-M   'P 43 21 2'
#
loop_
_entity.id
_entity.type
_entity.pdbx_description
1 polymer 'Uncharacterized protein'
2 water water
#
_entity_poly.entity_id   1
_entity_poly.type   'polypeptide(L)'
_entity_poly.pdbx_seq_one_letter_code
;SNA(MSE)FERFDSDRSRYASLGVVSSLPSGLIDSIWLIIDLNLKGVIPLNDLLHFDLLNNNGKVTVHFSQENSSVE
(MSE)AIDLPFSYSTAYPSRIFAFDDGHRETILLPAE(MSE)LES
;
_entity_poly.pdbx_strand_id   A,B,C,D
#
# COMPACT_ATOMS: atom_id res chain seq x y z
N GLU A 6 18.08 11.76 14.57
CA GLU A 6 18.64 12.71 13.62
C GLU A 6 18.88 12.06 12.27
N ARG A 7 18.87 10.72 12.24
CA ARG A 7 18.91 9.98 10.99
C ARG A 7 17.80 8.94 10.93
N PHE A 8 17.03 8.96 9.84
CA PHE A 8 15.64 8.52 9.87
C PHE A 8 14.92 9.04 11.11
N ASP A 9 15.15 10.31 11.44
CA ASP A 9 14.37 11.00 12.44
C ASP A 9 12.92 10.90 12.03
N SER A 10 12.03 10.59 12.96
CA SER A 10 10.64 10.41 12.55
C SER A 10 9.90 11.73 12.38
N ASP A 11 10.58 12.85 12.55
CA ASP A 11 9.94 14.15 12.35
C ASP A 11 10.12 14.73 10.97
N ARG A 12 10.89 14.07 10.11
CA ARG A 12 11.01 14.56 8.75
C ARG A 12 10.13 13.68 7.82
N SER A 13 9.87 14.14 6.60
CA SER A 13 8.99 13.43 5.74
C SER A 13 9.51 12.09 5.28
N ARG A 14 8.57 11.17 5.12
CA ARG A 14 8.82 9.79 4.78
C ARG A 14 7.93 9.37 3.64
N TYR A 15 8.51 8.65 2.67
CA TYR A 15 7.88 8.30 1.43
C TYR A 15 8.12 6.85 1.06
N ALA A 16 7.30 6.33 0.14
CA ALA A 16 7.57 5.05 -0.49
C ALA A 16 7.60 5.23 -2.01
N SER A 17 8.61 4.71 -2.70
CA SER A 17 8.62 4.93 -4.13
C SER A 17 7.45 4.20 -4.76
N LEU A 18 7.17 4.58 -6.00
CA LEU A 18 6.14 3.93 -6.78
C LEU A 18 6.39 2.44 -6.84
N GLY A 19 7.66 2.08 -7.06
CA GLY A 19 8.07 0.69 -7.29
C GLY A 19 7.74 -0.20 -6.11
N VAL A 20 7.97 0.34 -4.92
CA VAL A 20 7.62 -0.34 -3.67
C VAL A 20 6.12 -0.45 -3.49
N VAL A 21 5.42 0.69 -3.60
CA VAL A 21 3.97 0.66 -3.49
C VAL A 21 3.35 -0.33 -4.49
N SER A 22 3.80 -0.38 -5.73
CA SER A 22 3.13 -1.29 -6.67
C SER A 22 3.41 -2.75 -6.43
N SER A 23 4.33 -3.06 -5.54
CA SER A 23 4.64 -4.45 -5.35
C SER A 23 4.50 -4.95 -3.95
N LEU A 24 4.23 -4.09 -2.98
CA LEU A 24 4.12 -4.53 -1.59
C LEU A 24 2.85 -3.96 -1.04
N PRO A 25 2.17 -4.66 -0.12
CA PRO A 25 0.99 -4.02 0.49
C PRO A 25 1.37 -2.92 1.46
N SER A 26 0.43 -2.02 1.70
CA SER A 26 0.67 -0.86 2.58
C SER A 26 1.19 -1.25 3.94
N GLY A 27 0.59 -2.30 4.53
CA GLY A 27 0.94 -2.78 5.86
C GLY A 27 2.41 -3.18 5.96
N LEU A 28 2.90 -3.86 4.95
CA LEU A 28 4.27 -4.25 4.95
C LEU A 28 5.20 -3.05 4.81
N ILE A 29 4.82 -2.07 3.99
CA ILE A 29 5.66 -0.90 3.84
C ILE A 29 5.80 -0.21 5.18
N ASP A 30 4.66 0.00 5.85
CA ASP A 30 4.64 0.58 7.20
C ASP A 30 5.48 -0.19 8.22
N SER A 31 5.55 -1.51 8.07
CA SER A 31 6.34 -2.31 8.96
C SER A 31 7.74 -1.83 8.99
N ILE A 32 8.22 -1.43 7.82
CA ILE A 32 9.62 -1.07 7.71
C ILE A 32 9.86 0.16 8.57
N TRP A 33 8.96 1.12 8.48
CA TRP A 33 9.15 2.28 9.29
C TRP A 33 9.14 1.89 10.74
N LEU A 34 8.18 1.05 11.12
CA LEU A 34 8.09 0.61 12.49
C LEU A 34 9.35 -0.15 12.93
N ILE A 35 9.82 -1.09 12.11
CA ILE A 35 11.05 -1.77 12.48
C ILE A 35 12.09 -0.72 12.80
N ILE A 36 12.34 0.21 11.89
CA ILE A 36 13.29 1.26 12.18
C ILE A 36 12.95 1.99 13.48
N ASP A 37 11.72 2.40 13.64
CA ASP A 37 11.43 3.21 14.82
C ASP A 37 11.44 2.41 16.13
N LEU A 38 10.86 1.22 16.14
CA LEU A 38 10.77 0.42 17.34
C LEU A 38 11.98 -0.49 17.61
N ASN A 39 12.79 -0.79 16.63
CA ASN A 39 13.85 -1.75 16.89
C ASN A 39 15.23 -1.23 16.60
N LEU A 40 15.36 -0.23 15.74
CA LEU A 40 16.67 0.09 15.25
C LEU A 40 17.18 1.37 15.88
N LYS A 41 16.28 2.35 15.99
CA LYS A 41 16.64 3.73 16.22
C LYS A 41 16.96 3.92 17.71
N GLY A 42 18.12 4.48 18.02
CA GLY A 42 18.48 4.70 19.42
C GLY A 42 19.25 3.52 20.01
N VAL A 43 19.32 2.44 19.25
CA VAL A 43 19.89 1.22 19.70
C VAL A 43 21.14 0.98 18.87
N ILE A 44 21.10 1.29 17.59
CA ILE A 44 22.31 1.24 16.75
C ILE A 44 22.42 2.54 15.99
N PRO A 45 23.65 3.09 15.82
CA PRO A 45 23.84 4.10 14.74
C PRO A 45 23.36 3.58 13.36
N LEU A 46 22.87 4.48 12.50
CA LEU A 46 22.28 4.04 11.25
C LEU A 46 22.91 4.76 10.07
N ASN A 47 23.31 4.00 9.02
CA ASN A 47 23.66 4.58 7.71
C ASN A 47 22.47 5.30 7.10
N ASP A 48 22.75 6.24 6.22
CA ASP A 48 21.69 6.81 5.42
C ASP A 48 21.01 5.78 4.49
N LEU A 49 21.61 4.61 4.35
CA LEU A 49 21.08 3.53 3.55
C LEU A 49 20.98 2.21 4.32
N LEU A 50 19.75 1.78 4.57
CA LEU A 50 19.47 0.52 5.26
C LEU A 50 19.04 -0.54 4.28
N HIS A 51 19.43 -1.81 4.48
CA HIS A 51 18.96 -2.93 3.64
C HIS A 51 17.91 -3.74 4.36
N PHE A 52 16.88 -4.13 3.63
CA PHE A 52 15.88 -5.02 4.17
C PHE A 52 15.62 -6.12 3.16
N ASP A 53 16.16 -7.31 3.36
CA ASP A 53 15.85 -8.41 2.47
C ASP A 53 14.55 -8.97 2.93
N LEU A 54 13.72 -9.42 1.98
CA LEU A 54 12.41 -9.99 2.28
C LEU A 54 12.45 -11.45 2.04
N LEU A 55 12.37 -12.23 3.12
CA LEU A 55 12.57 -13.67 3.04
C LEU A 55 11.30 -14.44 3.29
N ASN A 56 11.21 -15.63 2.71
CA ASN A 56 10.07 -16.50 2.96
C ASN A 56 10.27 -17.29 4.24
N ASN A 57 9.59 -16.86 5.29
CA ASN A 57 9.54 -17.68 6.47
C ASN A 57 8.28 -18.49 6.52
N ASN A 58 8.35 -19.69 5.96
CA ASN A 58 7.25 -20.64 6.04
C ASN A 58 5.88 -20.10 5.61
N GLY A 59 5.89 -19.29 4.56
CA GLY A 59 4.67 -18.82 3.97
C GLY A 59 4.44 -17.37 4.36
N LYS A 60 5.17 -16.94 5.37
CA LYS A 60 5.07 -15.59 5.87
C LYS A 60 6.36 -14.86 5.58
N VAL A 61 6.36 -13.53 5.75
CA VAL A 61 7.51 -12.71 5.37
C VAL A 61 8.44 -12.50 6.56
N THR A 62 9.74 -12.78 6.41
CA THR A 62 10.73 -12.30 7.38
C THR A 62 11.56 -11.18 6.80
N VAL A 63 11.72 -10.13 7.57
CA VAL A 63 12.53 -9.04 7.10
C VAL A 63 13.85 -9.23 7.74
N HIS A 64 14.88 -9.12 6.94
CA HIS A 64 16.19 -9.18 7.50
C HIS A 64 16.88 -7.85 7.31
N PHE A 65 17.15 -7.17 8.41
CA PHE A 65 17.85 -5.91 8.32
C PHE A 65 19.38 -5.99 8.33
N SER A 66 20.04 -5.37 7.37
CA SER A 66 21.47 -5.20 7.46
C SER A 66 21.86 -3.84 6.93
N GLN A 67 23.10 -3.44 7.19
CA GLN A 67 23.64 -2.24 6.58
C GLN A 67 25.14 -2.34 6.44
N GLU A 68 25.75 -1.38 5.74
CA GLU A 68 27.14 -1.50 5.29
C GLU A 68 28.11 -0.98 6.33
N ASN A 69 29.32 -1.56 6.32
CA ASN A 69 30.35 -1.28 7.33
C ASN A 69 29.88 -1.50 8.75
N SER A 70 29.16 -2.59 8.97
CA SER A 70 28.67 -2.91 10.31
C SER A 70 28.22 -4.32 10.27
N SER A 71 28.45 -5.02 11.35
CA SER A 71 28.08 -6.40 11.31
C SER A 71 26.82 -6.63 12.15
N VAL A 72 26.07 -5.57 12.49
CA VAL A 72 24.83 -5.70 13.26
C VAL A 72 23.70 -5.96 12.32
N GLU A 73 23.00 -7.06 12.51
CA GLU A 73 21.87 -7.41 11.63
C GLU A 73 20.70 -7.81 12.47
N MSE A 74 19.54 -8.02 11.87
CA MSE A 74 18.37 -8.45 12.62
C MSE A 74 17.34 -9.16 11.77
O MSE A 74 17.15 -8.80 10.63
CB MSE A 74 17.72 -7.27 13.29
CG MSE A 74 16.82 -7.67 14.40
SE MSE A 74 15.94 -6.15 15.26
CE MSE A 74 15.26 -7.08 16.89
N ALA A 75 16.67 -10.16 12.32
CA ALA A 75 15.60 -10.82 11.59
C ALA A 75 14.31 -10.49 12.28
N ILE A 76 13.29 -10.08 11.54
CA ILE A 76 12.00 -9.78 12.14
C ILE A 76 10.90 -10.53 11.43
N ASP A 77 10.23 -11.43 12.14
CA ASP A 77 9.10 -12.13 11.55
C ASP A 77 7.88 -11.24 11.63
N LEU A 78 7.26 -11.04 10.48
CA LEU A 78 6.05 -10.28 10.36
C LEU A 78 4.95 -11.19 9.94
N PRO A 79 3.69 -10.85 10.25
CA PRO A 79 2.53 -11.65 9.93
C PRO A 79 2.03 -11.64 8.48
N PHE A 80 2.61 -10.85 7.58
CA PHE A 80 2.19 -10.81 6.16
C PHE A 80 2.51 -12.02 5.32
N SER A 81 1.64 -12.39 4.39
CA SER A 81 1.95 -13.50 3.49
C SER A 81 3.06 -13.15 2.58
N TYR A 82 3.93 -14.13 2.30
CA TYR A 82 5.04 -13.98 1.36
C TYR A 82 4.56 -14.20 -0.08
N SER A 83 5.14 -13.50 -1.06
CA SER A 83 4.82 -13.75 -2.48
C SER A 83 6.08 -13.85 -3.28
N THR A 84 6.20 -14.79 -4.22
CA THR A 84 7.42 -14.80 -5.03
C THR A 84 7.57 -13.53 -5.86
N ALA A 85 6.48 -12.81 -6.02
CA ALA A 85 6.53 -11.61 -6.82
C ALA A 85 7.07 -10.41 -6.07
N TYR A 86 7.36 -10.54 -4.79
CA TYR A 86 7.83 -9.37 -4.04
C TYR A 86 9.27 -9.09 -4.38
N PRO A 87 9.68 -7.83 -4.33
CA PRO A 87 11.10 -7.60 -4.58
C PRO A 87 11.87 -8.42 -3.56
N SER A 88 13.03 -8.94 -3.94
CA SER A 88 13.75 -9.76 -3.02
C SER A 88 14.39 -8.91 -1.91
N ARG A 89 14.79 -7.67 -2.22
N ARG A 89 14.81 -7.68 -2.22
CA ARG A 89 15.21 -6.72 -1.18
CA ARG A 89 15.14 -6.73 -1.15
C ARG A 89 14.78 -5.28 -1.47
C ARG A 89 14.74 -5.29 -1.48
N ILE A 90 14.63 -4.47 -0.42
CA ILE A 90 14.30 -3.04 -0.53
C ILE A 90 15.22 -2.23 0.35
N PHE A 91 15.22 -0.89 0.18
CA PHE A 91 16.11 0.00 0.94
C PHE A 91 15.34 1.07 1.68
N ALA A 92 15.93 1.57 2.76
CA ALA A 92 15.45 2.81 3.36
C ALA A 92 16.60 3.78 3.18
N PHE A 93 16.31 4.96 2.66
CA PHE A 93 17.33 5.93 2.37
C PHE A 93 16.92 7.23 2.97
N ASP A 94 17.91 7.89 3.60
CA ASP A 94 17.75 9.22 4.21
C ASP A 94 18.72 10.23 3.55
N ASP A 95 18.23 11.06 2.63
CA ASP A 95 19.11 12.02 1.97
C ASP A 95 19.46 13.22 2.87
N GLY A 96 18.93 13.24 4.08
CA GLY A 96 19.04 14.41 4.98
C GLY A 96 17.83 15.36 5.11
N HIS A 97 16.89 15.25 4.17
N HIS A 97 16.87 15.24 4.20
CA HIS A 97 15.66 16.03 4.24
CA HIS A 97 15.66 16.06 4.24
C HIS A 97 14.54 14.99 4.22
C HIS A 97 14.43 15.17 4.04
N ARG A 98 14.55 14.19 3.15
CA ARG A 98 13.48 13.24 2.90
C ARG A 98 13.97 11.80 3.15
N GLU A 99 13.07 10.94 3.61
CA GLU A 99 13.40 9.57 3.86
C GLU A 99 12.45 8.73 3.06
N THR A 100 12.96 7.68 2.45
CA THR A 100 12.20 6.94 1.47
C THR A 100 12.51 5.45 1.47
N ILE A 101 11.47 4.64 1.34
CA ILE A 101 11.64 3.22 1.05
C ILE A 101 11.56 3.03 -0.45
N LEU A 102 12.61 2.44 -1.02
CA LEU A 102 12.65 2.27 -2.49
C LEU A 102 13.31 0.95 -2.93
N LEU A 103 13.19 0.60 -4.21
CA LEU A 103 13.81 -0.61 -4.73
C LEU A 103 15.22 -0.28 -5.09
N PRO A 104 16.10 -1.28 -5.05
CA PRO A 104 17.47 -1.08 -5.43
C PRO A 104 17.60 -0.41 -6.80
N ALA A 105 16.87 -0.94 -7.79
CA ALA A 105 16.88 -0.40 -9.15
C ALA A 105 16.58 1.09 -9.12
N GLU A 106 15.74 1.51 -8.20
CA GLU A 106 15.37 2.91 -8.10
C GLU A 106 16.45 3.86 -7.56
N MSE A 107 17.53 3.33 -6.97
CA MSE A 107 18.75 4.14 -6.66
C MSE A 107 19.68 4.35 -7.88
O MSE A 107 20.64 3.58 -8.08
CB MSE A 107 19.58 3.51 -5.52
CG MSE A 107 18.94 3.48 -4.12
SE MSE A 107 19.02 5.13 -3.06
CE MSE A 107 20.94 5.16 -2.62
N LEU A 108 19.37 5.36 -8.70
CA LEU A 108 20.25 5.84 -9.80
C LEU A 108 19.77 7.22 -10.31
N MSE B 4 10.01 25.74 -15.87
CA MSE B 4 9.60 24.96 -17.09
C MSE B 4 9.66 23.45 -16.84
O MSE B 4 10.79 22.93 -16.81
CB MSE B 4 10.54 25.28 -18.27
CG MSE B 4 10.06 26.42 -19.19
SE MSE B 4 9.85 25.81 -21.08
CE MSE B 4 9.49 23.89 -20.70
N PHE B 5 8.54 22.74 -16.67
CA PHE B 5 8.57 21.24 -16.69
C PHE B 5 7.30 20.53 -17.14
N GLU B 6 7.41 19.30 -17.64
CA GLU B 6 6.25 18.49 -17.93
C GLU B 6 5.61 17.92 -16.67
N ARG B 7 4.33 18.25 -16.47
CA ARG B 7 3.67 17.83 -15.25
C ARG B 7 3.49 16.34 -15.15
N PHE B 8 3.78 15.80 -13.97
CA PHE B 8 3.55 14.40 -13.67
C PHE B 8 4.15 13.46 -14.67
N ASP B 9 5.33 13.83 -15.16
CA ASP B 9 6.02 13.09 -16.19
C ASP B 9 6.42 11.70 -15.64
N SER B 10 5.98 10.67 -16.34
CA SER B 10 6.29 9.29 -15.97
C SER B 10 7.78 8.91 -15.94
N ASP B 11 8.63 9.73 -16.57
CA ASP B 11 10.07 9.45 -16.60
C ASP B 11 10.78 9.98 -15.38
N ARG B 12 10.04 10.42 -14.38
CA ARG B 12 10.68 10.85 -13.13
C ARG B 12 10.08 10.09 -11.97
N SER B 13 10.63 10.33 -10.79
CA SER B 13 10.38 9.56 -9.57
C SER B 13 9.05 9.89 -8.96
N ARG B 14 8.30 8.86 -8.57
CA ARG B 14 6.99 9.00 -7.98
C ARG B 14 6.95 8.42 -6.58
N TYR B 15 6.28 9.12 -5.67
CA TYR B 15 6.23 8.72 -4.29
C TYR B 15 4.87 8.88 -3.72
N ALA B 16 4.61 8.10 -2.68
CA ALA B 16 3.47 8.30 -1.81
C ALA B 16 4.04 8.61 -0.46
N SER B 17 3.42 9.58 0.22
CA SER B 17 3.76 9.93 1.60
C SER B 17 3.35 8.84 2.59
N LEU B 18 3.96 8.91 3.76
CA LEU B 18 3.70 8.00 4.83
C LEU B 18 2.26 8.16 5.22
N GLY B 19 1.81 9.40 5.20
CA GLY B 19 0.47 9.67 5.62
C GLY B 19 -0.48 8.89 4.74
N VAL B 20 -0.19 8.85 3.44
CA VAL B 20 -1.07 8.21 2.48
C VAL B 20 -0.94 6.68 2.50
N VAL B 21 0.29 6.21 2.63
CA VAL B 21 0.54 4.79 2.65
C VAL B 21 -0.13 4.19 3.86
N SER B 22 -0.32 4.96 4.92
CA SER B 22 -0.93 4.37 6.10
C SER B 22 -2.43 4.59 6.17
N SER B 23 -3.07 5.03 5.10
CA SER B 23 -4.52 5.12 5.14
C SER B 23 -5.14 4.46 3.96
N LEU B 24 -4.41 4.32 2.86
CA LEU B 24 -4.99 3.67 1.67
C LEU B 24 -4.26 2.39 1.35
N PRO B 25 -4.98 1.42 0.74
CA PRO B 25 -4.24 0.26 0.22
C PRO B 25 -3.42 0.66 -1.03
N SER B 26 -2.28 -0.04 -1.21
CA SER B 26 -1.39 0.16 -2.37
C SER B 26 -2.16 0.25 -3.67
N GLY B 27 -3.01 -0.75 -3.91
CA GLY B 27 -3.85 -0.75 -5.09
C GLY B 27 -4.51 0.59 -5.37
N LEU B 28 -5.11 1.15 -4.35
CA LEU B 28 -5.79 2.38 -4.53
C LEU B 28 -4.83 3.51 -4.82
N ILE B 29 -3.65 3.48 -4.23
CA ILE B 29 -2.65 4.52 -4.44
C ILE B 29 -2.15 4.48 -5.88
N ASP B 30 -1.83 3.27 -6.33
CA ASP B 30 -1.42 3.02 -7.70
C ASP B 30 -2.50 3.51 -8.64
N SER B 31 -3.75 3.50 -8.20
CA SER B 31 -4.82 4.01 -9.04
C SER B 31 -4.73 5.47 -9.32
N ILE B 32 -4.36 6.27 -8.33
CA ILE B 32 -4.20 7.66 -8.64
C ILE B 32 -3.17 7.79 -9.77
N TRP B 33 -2.02 7.16 -9.61
CA TRP B 33 -1.05 7.26 -10.69
C TRP B 33 -1.66 6.79 -12.03
N LEU B 34 -2.33 5.65 -12.03
CA LEU B 34 -2.82 5.15 -13.28
C LEU B 34 -3.90 6.09 -13.83
N ILE B 35 -4.62 6.77 -12.93
CA ILE B 35 -5.64 7.69 -13.38
C ILE B 35 -4.96 8.84 -14.07
N ILE B 36 -3.88 9.35 -13.50
CA ILE B 36 -3.15 10.41 -14.16
C ILE B 36 -2.58 9.97 -15.53
N ASP B 37 -1.92 8.82 -15.55
CA ASP B 37 -1.28 8.38 -16.80
C ASP B 37 -2.27 8.00 -17.89
N LEU B 38 -3.42 7.43 -17.53
CA LEU B 38 -4.36 6.87 -18.49
C LEU B 38 -5.44 7.81 -18.90
N ASN B 39 -5.90 8.66 -17.99
CA ASN B 39 -7.05 9.48 -18.29
C ASN B 39 -6.80 10.99 -18.32
N LEU B 40 -5.71 11.41 -17.69
CA LEU B 40 -5.37 12.81 -17.62
C LEU B 40 -4.29 13.16 -18.60
N LYS B 41 -3.09 12.59 -18.45
CA LYS B 41 -2.01 12.99 -19.36
C LYS B 41 -2.39 12.79 -20.82
N GLY B 42 -2.03 13.74 -21.66
CA GLY B 42 -2.37 13.63 -23.07
C GLY B 42 -3.79 14.13 -23.31
N VAL B 43 -4.51 14.38 -22.25
CA VAL B 43 -5.90 14.72 -22.42
C VAL B 43 -6.18 16.17 -22.04
N ILE B 44 -5.81 16.54 -20.81
CA ILE B 44 -5.94 17.91 -20.35
C ILE B 44 -4.60 18.46 -19.89
N PRO B 45 -4.39 19.79 -19.95
CA PRO B 45 -3.20 20.39 -19.39
C PRO B 45 -3.32 20.30 -17.89
N LEU B 46 -2.19 20.29 -17.18
CA LEU B 46 -2.20 19.90 -15.76
C LEU B 46 -1.52 20.91 -14.91
N ASN B 47 -2.22 21.30 -13.85
CA ASN B 47 -1.68 22.02 -12.72
C ASN B 47 -0.58 21.19 -12.04
N ASP B 48 0.27 21.83 -11.25
CA ASP B 48 1.36 21.11 -10.61
C ASP B 48 0.85 20.42 -9.35
N LEU B 49 -0.38 20.77 -8.99
CA LEU B 49 -1.01 20.16 -7.83
C LEU B 49 -2.40 19.71 -8.25
N LEU B 50 -2.70 18.42 -8.08
CA LEU B 50 -4.01 17.90 -8.44
C LEU B 50 -4.83 17.51 -7.21
N HIS B 51 -6.14 17.69 -7.29
CA HIS B 51 -7.03 17.28 -6.21
C HIS B 51 -7.80 16.03 -6.56
N PHE B 52 -7.72 15.02 -5.73
CA PHE B 52 -8.68 13.90 -5.83
C PHE B 52 -9.53 13.68 -4.58
N ASP B 53 -10.85 13.70 -4.72
CA ASP B 53 -11.75 13.30 -3.64
C ASP B 53 -12.12 11.84 -3.69
N LEU B 54 -12.02 11.19 -2.53
CA LEU B 54 -12.41 9.80 -2.40
C LEU B 54 -13.85 9.71 -1.94
N LEU B 55 -14.76 9.41 -2.83
CA LEU B 55 -16.16 9.31 -2.47
C LEU B 55 -16.70 7.89 -2.40
N ASN B 56 -17.71 7.73 -1.57
CA ASN B 56 -18.39 6.51 -1.49
C ASN B 56 -19.37 6.45 -2.61
N ASN B 57 -19.17 5.54 -3.53
CA ASN B 57 -20.20 5.32 -4.49
C ASN B 57 -20.64 3.90 -4.33
N ASN B 58 -21.67 3.73 -3.52
CA ASN B 58 -22.28 2.42 -3.39
C ASN B 58 -21.38 1.33 -2.78
N GLY B 59 -20.38 1.74 -2.01
CA GLY B 59 -19.57 0.82 -1.26
C GLY B 59 -18.20 0.74 -1.84
N LYS B 60 -18.07 1.19 -3.08
CA LYS B 60 -16.79 1.27 -3.78
C LYS B 60 -16.30 2.72 -3.77
N VAL B 61 -15.03 2.93 -4.12
CA VAL B 61 -14.48 4.28 -4.14
C VAL B 61 -14.71 4.92 -5.49
N THR B 62 -15.16 6.17 -5.52
CA THR B 62 -15.11 6.92 -6.75
C THR B 62 -14.21 8.10 -6.48
N VAL B 63 -13.35 8.38 -7.45
CA VAL B 63 -12.48 9.51 -7.38
C VAL B 63 -13.03 10.69 -8.19
N HIS B 64 -13.20 11.81 -7.53
N HIS B 64 -13.22 11.82 -7.52
CA HIS B 64 -13.50 13.06 -8.21
CA HIS B 64 -13.55 13.08 -8.17
C HIS B 64 -12.17 13.76 -8.36
C HIS B 64 -12.22 13.82 -8.35
N PHE B 65 -11.82 14.09 -9.59
CA PHE B 65 -10.62 14.89 -9.84
C PHE B 65 -11.04 16.33 -10.17
N SER B 66 -10.30 17.28 -9.61
CA SER B 66 -10.36 18.63 -10.10
C SER B 66 -8.96 19.25 -9.90
N GLN B 67 -8.80 20.49 -10.37
CA GLN B 67 -7.54 21.20 -10.22
C GLN B 67 -7.75 22.71 -10.27
N GLU B 68 -6.78 23.45 -9.74
CA GLU B 68 -7.04 24.77 -9.19
C GLU B 68 -7.54 25.73 -10.26
N ASN B 69 -6.78 25.85 -11.35
CA ASN B 69 -6.99 26.91 -12.32
C ASN B 69 -7.77 26.42 -13.55
N SER B 70 -8.63 25.44 -13.34
CA SER B 70 -9.34 24.80 -14.44
C SER B 70 -10.77 24.44 -14.05
N SER B 71 -11.59 24.14 -15.05
CA SER B 71 -12.97 23.91 -14.83
C SER B 71 -13.29 22.50 -15.28
N VAL B 72 -12.27 21.72 -15.54
CA VAL B 72 -12.55 20.31 -15.82
C VAL B 72 -12.67 19.57 -14.50
N GLU B 73 -13.60 18.63 -14.45
CA GLU B 73 -13.82 17.81 -13.25
C GLU B 73 -14.21 16.44 -13.72
N MSE B 74 -13.62 15.42 -13.16
CA MSE B 74 -13.82 14.12 -13.70
C MSE B 74 -13.98 13.14 -12.56
O MSE B 74 -13.39 13.30 -11.50
CB MSE B 74 -12.64 13.76 -14.60
CG MSE B 74 -12.60 12.30 -14.97
SE MSE B 74 -11.05 11.91 -16.06
CE MSE B 74 -11.09 13.54 -17.21
N ALA B 75 -14.81 12.13 -12.82
CA ALA B 75 -15.26 11.19 -11.81
C ALA B 75 -14.95 9.80 -12.28
N ILE B 76 -14.09 9.07 -11.55
CA ILE B 76 -13.67 7.73 -12.00
C ILE B 76 -14.10 6.67 -11.02
N ASP B 77 -14.98 5.77 -11.45
CA ASP B 77 -15.40 4.67 -10.57
C ASP B 77 -14.26 3.65 -10.42
N LEU B 78 -13.92 3.24 -9.20
CA LEU B 78 -12.80 2.30 -9.02
C LEU B 78 -13.28 1.04 -8.35
N PRO B 79 -12.60 -0.08 -8.56
CA PRO B 79 -13.04 -1.35 -7.92
C PRO B 79 -12.92 -1.40 -6.41
N PHE B 80 -12.09 -0.55 -5.79
CA PHE B 80 -11.78 -0.73 -4.35
C PHE B 80 -12.93 -0.37 -3.45
N SER B 81 -13.10 -1.10 -2.36
CA SER B 81 -14.19 -0.72 -1.50
C SER B 81 -13.78 0.45 -0.63
N TYR B 82 -14.79 1.22 -0.24
CA TYR B 82 -14.67 2.45 0.51
C TYR B 82 -14.62 2.19 2.00
N SER B 83 -13.98 3.10 2.74
CA SER B 83 -13.91 3.07 4.18
C SER B 83 -14.13 4.46 4.69
N THR B 84 -14.96 4.57 5.74
CA THR B 84 -15.12 5.80 6.51
C THR B 84 -13.83 6.39 6.99
N ALA B 85 -12.77 5.60 7.06
CA ALA B 85 -11.54 6.14 7.61
C ALA B 85 -10.54 6.62 6.55
N TYR B 86 -10.86 6.46 5.27
CA TYR B 86 -9.99 7.00 4.26
C TYR B 86 -10.02 8.51 4.31
N PRO B 87 -8.94 9.18 3.90
CA PRO B 87 -8.98 10.65 3.89
C PRO B 87 -10.01 11.05 2.88
N SER B 88 -10.70 12.18 3.04
CA SER B 88 -11.70 12.65 2.02
C SER B 88 -11.09 12.96 0.67
N ARG B 89 -9.88 13.50 0.76
CA ARG B 89 -9.26 14.16 -0.32
C ARG B 89 -7.75 13.98 -0.20
N ILE B 90 -7.16 13.61 -1.31
CA ILE B 90 -5.73 13.60 -1.39
C ILE B 90 -5.26 14.45 -2.59
N PHE B 91 -3.97 14.78 -2.57
CA PHE B 91 -3.35 15.58 -3.57
C PHE B 91 -2.29 14.77 -4.29
N ALA B 92 -2.13 15.05 -5.59
CA ALA B 92 -0.87 14.73 -6.27
C ALA B 92 -0.12 16.05 -6.55
N PHE B 93 1.12 16.11 -6.08
CA PHE B 93 1.90 17.32 -6.22
C PHE B 93 3.18 17.03 -6.95
N ASP B 94 3.47 17.86 -7.94
CA ASP B 94 4.69 17.68 -8.70
C ASP B 94 5.51 18.95 -8.58
N ASP B 95 6.76 18.83 -8.19
CA ASP B 95 7.54 20.04 -7.92
C ASP B 95 8.62 20.27 -8.94
N GLY B 96 8.62 19.55 -10.03
CA GLY B 96 9.73 19.71 -10.94
C GLY B 96 10.73 18.57 -10.93
N HIS B 97 10.99 18.04 -9.74
N HIS B 97 11.09 18.07 -9.75
CA HIS B 97 12.00 16.99 -9.50
CA HIS B 97 11.89 16.85 -9.66
C HIS B 97 11.38 15.66 -9.02
C HIS B 97 10.92 15.73 -9.32
N ARG B 98 10.45 15.77 -8.07
CA ARG B 98 9.75 14.65 -7.45
C ARG B 98 8.26 14.79 -7.59
N GLU B 99 7.57 13.66 -7.70
CA GLU B 99 6.15 13.67 -7.83
C GLU B 99 5.54 12.86 -6.71
N THR B 100 4.62 13.46 -5.98
CA THR B 100 4.16 12.84 -4.75
C THR B 100 2.66 12.80 -4.62
N ILE B 101 2.14 11.70 -4.10
CA ILE B 101 0.76 11.63 -3.68
C ILE B 101 0.79 11.75 -2.19
N LEU B 102 0.03 12.68 -1.66
CA LEU B 102 0.20 13.06 -0.25
C LEU B 102 -1.09 13.64 0.33
N LEU B 103 -1.12 13.86 1.63
CA LEU B 103 -2.31 14.34 2.31
C LEU B 103 -2.32 15.86 2.40
N PRO B 104 -3.51 16.45 2.22
CA PRO B 104 -3.69 17.89 2.43
C PRO B 104 -2.86 18.39 3.61
N ALA B 105 -3.06 17.80 4.78
CA ALA B 105 -2.37 18.25 5.99
C ALA B 105 -0.86 18.26 5.80
N GLU B 106 -0.38 17.42 4.89
CA GLU B 106 1.05 17.18 4.75
C GLU B 106 1.70 18.27 3.90
N MSE B 107 0.93 19.31 3.60
CA MSE B 107 1.46 20.46 2.86
C MSE B 107 1.12 21.77 3.57
O MSE B 107 1.57 22.03 4.68
CB MSE B 107 0.91 20.47 1.43
CG MSE B 107 1.82 19.77 0.42
SE MSE B 107 1.24 20.05 -1.42
CE MSE B 107 2.03 21.81 -1.72
N MSE C 4 0.33 -26.20 19.06
CA MSE C 4 0.50 -25.60 20.38
C MSE C 4 0.43 -24.08 20.30
O MSE C 4 1.04 -23.46 19.44
CB MSE C 4 1.83 -26.04 20.99
CG MSE C 4 2.93 -25.00 20.89
SE MSE C 4 4.59 -25.71 20.15
CE MSE C 4 5.23 -24.12 19.22
N PHE C 5 -0.32 -23.48 21.23
CA PHE C 5 -0.98 -22.20 20.97
C PHE C 5 -0.27 -21.07 21.73
N GLU C 6 -0.58 -19.84 21.35
CA GLU C 6 0.29 -18.71 21.64
C GLU C 6 -0.50 -17.41 21.75
N ARG C 7 -0.10 -16.55 22.67
CA ARG C 7 -0.93 -15.42 23.08
C ARG C 7 -0.77 -14.24 22.13
N PHE C 8 -1.86 -13.86 21.47
CA PHE C 8 -1.78 -13.02 20.29
C PHE C 8 -0.86 -13.62 19.23
N ASP C 9 -0.95 -14.94 19.07
CA ASP C 9 -0.34 -15.62 17.94
C ASP C 9 -0.69 -14.92 16.63
N SER C 10 0.31 -14.73 15.78
CA SER C 10 0.12 -14.04 14.50
C SER C 10 -0.30 -15.02 13.41
N ASP C 11 -0.26 -16.31 13.73
CA ASP C 11 -0.71 -17.34 12.81
C ASP C 11 -2.23 -17.53 12.89
N ARG C 12 -2.87 -16.76 13.76
CA ARG C 12 -4.28 -16.94 14.03
C ARG C 12 -4.91 -15.68 13.51
N SER C 13 -6.22 -15.69 13.27
CA SER C 13 -6.86 -14.57 12.60
C SER C 13 -7.02 -13.36 13.48
N ARG C 14 -6.71 -12.19 12.93
CA ARG C 14 -6.85 -10.94 13.64
C ARG C 14 -7.92 -10.09 12.98
N TYR C 15 -8.88 -9.59 13.73
CA TYR C 15 -9.97 -8.80 13.17
C TYR C 15 -9.92 -7.48 13.85
N ALA C 16 -10.54 -6.48 13.25
CA ALA C 16 -10.74 -5.23 13.98
C ALA C 16 -12.23 -4.89 14.00
N SER C 17 -12.73 -4.40 15.12
CA SER C 17 -14.17 -4.15 15.24
C SER C 17 -14.61 -3.03 14.34
N LEU C 18 -15.92 -2.96 14.12
CA LEU C 18 -16.52 -1.89 13.37
C LEU C 18 -16.11 -0.50 13.85
N GLY C 19 -16.25 -0.23 15.13
CA GLY C 19 -15.86 1.06 15.66
C GLY C 19 -14.40 1.41 15.43
N VAL C 20 -13.54 0.43 15.54
CA VAL C 20 -12.12 0.69 15.33
C VAL C 20 -11.84 0.93 13.85
N VAL C 21 -12.44 0.12 13.00
CA VAL C 21 -12.04 0.08 11.61
C VAL C 21 -12.48 1.36 10.93
N SER C 22 -13.56 1.95 11.47
CA SER C 22 -14.22 3.10 10.85
C SER C 22 -13.72 4.41 11.48
N SER C 23 -12.78 4.29 12.39
CA SER C 23 -12.41 5.40 13.19
C SER C 23 -10.89 5.60 13.24
N LEU C 24 -10.11 4.53 13.03
CA LEU C 24 -8.64 4.67 12.87
C LEU C 24 -8.19 4.28 11.47
N PRO C 25 -7.19 4.96 10.91
CA PRO C 25 -6.69 4.50 9.62
C PRO C 25 -6.03 3.14 9.75
N SER C 26 -5.94 2.41 8.65
CA SER C 26 -5.24 1.13 8.61
C SER C 26 -3.82 1.04 9.19
N GLY C 27 -3.03 2.06 8.93
CA GLY C 27 -1.64 2.03 9.28
C GLY C 27 -1.51 2.09 10.77
N LEU C 28 -2.56 2.53 11.44
CA LEU C 28 -2.52 2.62 12.89
C LEU C 28 -3.00 1.34 13.55
N ILE C 29 -4.04 0.75 12.98
CA ILE C 29 -4.47 -0.54 13.41
C ILE C 29 -3.26 -1.49 13.28
N ASP C 30 -2.63 -1.55 12.10
CA ASP C 30 -1.51 -2.44 11.93
C ASP C 30 -0.42 -2.17 12.96
N SER C 31 -0.17 -0.89 13.21
CA SER C 31 0.70 -0.51 14.33
C SER C 31 0.40 -1.21 15.63
N ILE C 32 -0.86 -1.32 16.03
CA ILE C 32 -1.13 -2.00 17.28
C ILE C 32 -0.62 -3.43 17.17
N TRP C 33 -1.01 -4.12 16.10
CA TRP C 33 -0.53 -5.47 15.93
C TRP C 33 0.99 -5.49 15.91
N LEU C 34 1.64 -4.58 15.19
CA LEU C 34 3.08 -4.64 15.17
C LEU C 34 3.70 -4.40 16.53
N ILE C 35 3.13 -3.48 17.29
CA ILE C 35 3.63 -3.28 18.64
C ILE C 35 3.59 -4.60 19.39
N ILE C 36 2.45 -5.30 19.35
CA ILE C 36 2.36 -6.59 19.97
C ILE C 36 3.46 -7.49 19.40
N ASP C 37 3.59 -7.57 18.10
CA ASP C 37 4.53 -8.52 17.53
C ASP C 37 6.00 -8.18 17.72
N LEU C 38 6.35 -6.91 17.76
CA LEU C 38 7.74 -6.51 17.74
C LEU C 38 8.23 -6.24 19.12
N ASN C 39 7.35 -5.62 19.90
CA ASN C 39 7.72 -5.21 21.25
C ASN C 39 7.20 -6.08 22.40
N LEU C 40 6.16 -6.88 22.17
CA LEU C 40 5.60 -7.59 23.30
C LEU C 40 5.86 -9.07 23.23
N LYS C 41 5.44 -9.74 22.18
CA LYS C 41 5.59 -11.19 22.19
C LYS C 41 7.04 -11.51 22.28
N GLY C 42 7.39 -12.48 23.11
CA GLY C 42 8.79 -12.87 23.22
C GLY C 42 9.49 -11.99 24.23
N VAL C 43 8.82 -10.90 24.65
CA VAL C 43 9.44 -9.98 25.60
C VAL C 43 8.85 -10.12 26.99
N ILE C 44 7.54 -9.98 27.11
CA ILE C 44 6.88 -10.18 28.41
C ILE C 44 5.69 -11.15 28.26
N PRO C 45 5.18 -11.70 29.38
CA PRO C 45 4.02 -12.57 29.32
C PRO C 45 2.81 -11.71 29.01
N LEU C 46 1.84 -12.28 28.32
CA LEU C 46 0.69 -11.50 27.86
C LEU C 46 -0.61 -11.99 28.45
N ASN C 47 -1.36 -11.03 28.95
CA ASN C 47 -2.71 -11.21 29.41
C ASN C 47 -3.52 -11.39 28.15
N ASP C 48 -4.68 -11.99 28.21
CA ASP C 48 -5.42 -12.15 26.97
C ASP C 48 -6.11 -10.87 26.60
N LEU C 49 -5.97 -9.84 27.42
CA LEU C 49 -6.57 -8.54 27.09
C LEU C 49 -5.61 -7.41 27.37
N LEU C 50 -5.48 -6.51 26.40
CA LEU C 50 -4.38 -5.56 26.36
C LEU C 50 -4.92 -4.15 26.17
N HIS C 51 -4.51 -3.22 27.05
CA HIS C 51 -4.98 -1.83 26.98
C HIS C 51 -3.98 -1.02 26.16
N PHE C 52 -4.46 -0.22 25.23
CA PHE C 52 -3.60 0.77 24.60
C PHE C 52 -4.20 2.15 24.67
N ASP C 53 -3.54 3.09 25.34
CA ASP C 53 -3.96 4.48 25.23
C ASP C 53 -3.21 5.17 24.08
N LEU C 54 -3.97 5.89 23.24
CA LEU C 54 -3.46 6.64 22.09
C LEU C 54 -3.31 8.12 22.50
N LEU C 55 -2.10 8.64 22.58
CA LEU C 55 -1.97 9.99 23.14
C LEU C 55 -1.37 10.94 22.12
N ASN C 56 -1.69 12.23 22.24
CA ASN C 56 -1.03 13.25 21.42
C ASN C 56 0.34 13.49 21.94
N ASN C 57 1.32 13.35 21.07
CA ASN C 57 2.68 13.68 21.40
C ASN C 57 3.28 14.63 20.36
N ASN C 58 3.03 15.93 20.57
CA ASN C 58 3.35 16.96 19.60
C ASN C 58 2.84 16.72 18.19
N GLY C 59 1.59 16.27 18.07
CA GLY C 59 0.95 16.08 16.78
C GLY C 59 1.11 14.66 16.29
N LYS C 60 2.05 13.91 16.87
CA LYS C 60 2.24 12.50 16.53
C LYS C 60 1.58 11.55 17.53
N VAL C 61 1.29 10.30 17.15
CA VAL C 61 0.60 9.42 18.08
C VAL C 61 1.58 8.74 19.02
N THR C 62 1.22 8.66 20.29
CA THR C 62 1.98 7.82 21.20
C THR C 62 1.05 6.85 21.89
N VAL C 63 1.47 5.60 21.86
CA VAL C 63 0.70 4.54 22.43
C VAL C 63 1.29 4.16 23.77
N HIS C 64 0.50 4.32 24.82
N HIS C 64 0.51 4.31 24.85
CA HIS C 64 0.83 3.77 26.10
CA HIS C 64 0.88 3.82 26.20
C HIS C 64 0.21 2.39 26.12
C HIS C 64 0.20 2.47 26.38
N PHE C 65 1.00 1.41 26.53
CA PHE C 65 0.49 0.05 26.75
C PHE C 65 0.44 -0.32 28.23
N SER C 66 -0.58 -1.09 28.62
CA SER C 66 -0.60 -1.71 29.93
C SER C 66 -1.54 -2.89 29.89
N GLN C 67 -1.55 -3.69 30.96
CA GLN C 67 -2.45 -4.83 31.13
C GLN C 67 -2.71 -5.05 32.62
N GLU C 68 -3.87 -5.65 32.91
N GLU C 68 -3.87 -5.64 32.94
CA GLU C 68 -4.30 -6.08 34.25
CA GLU C 68 -4.26 -5.96 34.31
C GLU C 68 -3.27 -7.09 34.77
C GLU C 68 -3.37 -7.11 34.79
N ASN C 69 -3.00 -7.07 36.07
CA ASN C 69 -2.08 -8.04 36.69
C ASN C 69 -0.64 -7.93 36.24
N SER C 70 -0.18 -6.72 35.96
CA SER C 70 1.20 -6.58 35.55
C SER C 70 1.67 -5.18 35.75
N SER C 71 2.96 -5.06 36.03
CA SER C 71 3.51 -3.78 36.39
C SER C 71 4.18 -3.14 35.19
N VAL C 72 4.19 -3.83 34.07
CA VAL C 72 4.68 -3.21 32.86
C VAL C 72 3.75 -2.16 32.27
N GLU C 73 4.33 -1.00 31.98
CA GLU C 73 3.75 0.01 31.09
C GLU C 73 4.82 0.24 30.03
N MSE C 74 4.40 0.77 28.89
CA MSE C 74 5.31 1.03 27.84
C MSE C 74 4.73 2.14 27.03
O MSE C 74 3.54 2.15 26.77
CB MSE C 74 5.45 -0.20 26.98
CG MSE C 74 6.57 -0.05 26.01
SE MSE C 74 6.89 -1.73 25.15
CE MSE C 74 8.70 -1.36 24.43
N ALA C 75 5.58 3.09 26.64
CA ALA C 75 5.20 4.18 25.75
C ALA C 75 5.90 3.95 24.41
N ILE C 76 5.14 3.91 23.33
CA ILE C 76 5.69 3.63 22.01
C ILE C 76 5.39 4.81 21.12
N ASP C 77 6.42 5.52 20.70
CA ASP C 77 6.22 6.71 19.88
C ASP C 77 6.02 6.34 18.45
N LEU C 78 4.91 6.73 17.86
CA LEU C 78 4.66 6.37 16.50
C LEU C 78 4.91 7.48 15.53
N PRO C 79 5.33 7.11 14.32
CA PRO C 79 5.59 8.08 13.28
C PRO C 79 4.32 8.77 12.86
N PHE C 80 3.17 8.14 13.07
CA PHE C 80 1.91 8.67 12.52
C PHE C 80 1.35 9.95 13.15
N SER C 81 0.52 10.63 12.39
CA SER C 81 -0.07 11.86 12.81
C SER C 81 -1.23 11.63 13.77
N TYR C 82 -1.20 12.38 14.89
CA TYR C 82 -2.31 12.38 15.84
C TYR C 82 -3.45 13.21 15.30
N SER C 83 -4.67 12.74 15.61
CA SER C 83 -5.91 13.42 15.34
C SER C 83 -6.83 13.33 16.56
N THR C 84 -7.58 14.39 16.85
CA THR C 84 -8.43 14.44 18.04
C THR C 84 -9.68 13.55 17.84
N ALA C 85 -9.90 13.19 16.58
CA ALA C 85 -11.00 12.33 16.15
C ALA C 85 -10.79 10.89 16.56
N TYR C 86 -9.53 10.48 16.74
CA TYR C 86 -9.22 9.10 17.08
C TYR C 86 -9.80 8.74 18.44
N PRO C 87 -10.09 7.46 18.64
CA PRO C 87 -10.56 6.93 19.91
C PRO C 87 -9.42 7.04 20.91
N SER C 88 -9.73 7.40 22.14
CA SER C 88 -8.67 7.71 23.09
C SER C 88 -8.00 6.44 23.63
N ARG C 89 -8.73 5.34 23.70
CA ARG C 89 -8.07 4.06 23.98
C ARG C 89 -8.68 2.91 23.22
N ILE C 90 -7.90 1.86 22.97
CA ILE C 90 -8.42 0.61 22.41
C ILE C 90 -7.89 -0.63 23.13
N PHE C 91 -8.55 -1.76 22.89
CA PHE C 91 -8.19 -3.00 23.51
C PHE C 91 -7.79 -3.98 22.44
N ALA C 92 -6.83 -4.84 22.74
CA ALA C 92 -6.59 -6.04 21.93
C ALA C 92 -7.05 -7.22 22.74
N PHE C 93 -7.87 -8.05 22.13
CA PHE C 93 -8.41 -9.18 22.84
C PHE C 93 -8.25 -10.48 22.12
N ASP C 94 -7.90 -11.49 22.89
CA ASP C 94 -7.61 -12.77 22.35
C ASP C 94 -8.48 -13.76 23.06
N ASP C 95 -9.47 -14.29 22.37
CA ASP C 95 -10.44 -15.20 22.98
C ASP C 95 -10.04 -16.65 22.79
N GLY C 96 -8.85 -16.86 22.21
CA GLY C 96 -8.22 -18.17 22.24
C GLY C 96 -8.24 -18.84 20.88
N HIS C 97 -9.07 -18.33 19.98
CA HIS C 97 -9.03 -18.74 18.58
C HIS C 97 -8.91 -17.54 17.65
N ARG C 98 -9.54 -16.44 18.05
CA ARG C 98 -9.55 -15.23 17.24
C ARG C 98 -9.08 -14.02 18.04
N GLU C 99 -8.25 -13.17 17.42
CA GLU C 99 -7.79 -11.95 18.06
C GLU C 99 -8.51 -10.72 17.49
N THR C 100 -8.87 -9.80 18.38
CA THR C 100 -9.68 -8.66 18.00
C THR C 100 -9.24 -7.37 18.67
N ILE C 101 -9.17 -6.30 17.88
CA ILE C 101 -8.99 -4.96 18.41
C ILE C 101 -10.30 -4.23 18.42
N LEU C 102 -10.63 -3.64 19.54
CA LEU C 102 -11.92 -3.00 19.66
C LEU C 102 -11.89 -1.89 20.71
N LEU C 103 -12.99 -1.17 20.75
CA LEU C 103 -13.17 -0.02 21.60
C LEU C 103 -13.74 -0.51 22.89
N PRO C 104 -13.41 0.13 24.01
CA PRO C 104 -13.98 -0.20 25.32
C PRO C 104 -15.49 -0.24 25.33
N ALA C 105 -16.10 0.69 24.61
CA ALA C 105 -17.55 0.74 24.47
C ALA C 105 -18.15 -0.53 23.85
N GLU C 106 -17.32 -1.30 23.15
CA GLU C 106 -17.78 -2.47 22.45
C GLU C 106 -17.63 -3.75 23.21
N MSE C 107 -16.84 -3.76 24.29
CA MSE C 107 -16.75 -4.90 25.24
C MSE C 107 -18.12 -5.32 25.74
O MSE C 107 -18.97 -4.46 26.03
CB MSE C 107 -15.94 -4.52 26.49
CG MSE C 107 -14.46 -4.29 26.29
SE MSE C 107 -13.53 -5.73 25.38
CE MSE C 107 -13.48 -7.19 26.69
N LEU C 108 -18.35 -6.62 25.89
CA LEU C 108 -19.70 -7.10 26.23
C LEU C 108 -20.20 -6.93 27.71
N GLU C 109 -19.39 -7.30 28.71
CA GLU C 109 -19.88 -7.31 30.09
C GLU C 109 -18.87 -6.69 31.05
N PHE D 5 -26.67 -7.69 -17.29
CA PHE D 5 -25.31 -8.31 -17.38
C PHE D 5 -24.39 -7.45 -18.20
N GLU D 6 -23.10 -7.48 -17.88
CA GLU D 6 -22.14 -6.74 -18.67
C GLU D 6 -20.77 -7.38 -18.60
N ARG D 7 -20.17 -7.56 -19.76
CA ARG D 7 -18.83 -8.09 -19.85
C ARG D 7 -17.84 -7.35 -18.94
N PHE D 8 -17.07 -8.13 -18.19
CA PHE D 8 -16.07 -7.62 -17.25
C PHE D 8 -16.61 -6.60 -16.25
N ASP D 9 -17.81 -6.85 -15.74
CA ASP D 9 -18.35 -6.06 -14.64
C ASP D 9 -17.33 -5.95 -13.50
N SER D 10 -17.27 -4.79 -12.85
CA SER D 10 -16.39 -4.54 -11.68
C SER D 10 -16.92 -5.15 -10.39
N ASP D 11 -18.24 -5.24 -10.31
CA ASP D 11 -18.94 -5.79 -9.15
C ASP D 11 -18.93 -7.32 -9.08
N ARG D 12 -18.53 -7.98 -10.16
CA ARG D 12 -18.25 -9.42 -10.15
C ARG D 12 -16.78 -9.67 -9.78
N SER D 13 -16.49 -10.82 -9.21
CA SER D 13 -15.24 -10.87 -8.51
C SER D 13 -14.13 -11.30 -9.46
N ARG D 14 -12.91 -10.86 -9.18
CA ARG D 14 -11.80 -10.95 -10.13
C ARG D 14 -10.63 -11.69 -9.50
N TYR D 15 -9.98 -12.57 -10.25
CA TYR D 15 -8.90 -13.35 -9.68
C TYR D 15 -7.76 -13.29 -10.66
N ALA D 16 -6.58 -13.64 -10.18
CA ALA D 16 -5.37 -13.87 -10.98
C ALA D 16 -4.98 -15.33 -10.82
N SER D 17 -4.57 -16.02 -11.88
CA SER D 17 -4.20 -17.41 -11.71
C SER D 17 -2.90 -17.49 -10.97
N LEU D 18 -2.54 -18.70 -10.55
CA LEU D 18 -1.23 -19.00 -9.96
C LEU D 18 -0.05 -18.43 -10.76
N GLY D 19 0.07 -18.80 -12.03
CA GLY D 19 1.18 -18.29 -12.86
C GLY D 19 1.28 -16.76 -12.83
N VAL D 20 0.12 -16.11 -12.83
CA VAL D 20 0.07 -14.66 -12.95
C VAL D 20 0.52 -14.01 -11.64
N VAL D 21 -0.08 -14.47 -10.55
CA VAL D 21 0.13 -13.90 -9.23
C VAL D 21 1.57 -14.12 -8.76
N SER D 22 2.26 -15.04 -9.42
CA SER D 22 3.60 -15.47 -9.06
C SER D 22 4.69 -14.72 -9.77
N SER D 23 4.33 -13.97 -10.80
CA SER D 23 5.36 -13.43 -11.64
C SER D 23 5.17 -11.96 -11.92
N LEU D 24 4.01 -11.40 -11.64
CA LEU D 24 3.81 -9.96 -11.75
C LEU D 24 3.48 -9.23 -10.44
N PRO D 25 4.02 -8.03 -10.23
CA PRO D 25 3.65 -7.32 -9.01
C PRO D 25 2.17 -6.98 -9.02
N SER D 26 1.58 -6.77 -7.84
CA SER D 26 0.18 -6.37 -7.79
C SER D 26 -0.17 -5.15 -8.63
N GLY D 27 0.70 -4.17 -8.66
CA GLY D 27 0.41 -2.95 -9.36
C GLY D 27 0.15 -3.26 -10.81
N LEU D 28 0.90 -4.21 -11.36
CA LEU D 28 0.70 -4.59 -12.75
C LEU D 28 -0.57 -5.34 -13.03
N ILE D 29 -0.86 -6.33 -12.20
CA ILE D 29 -2.15 -6.96 -12.23
C ILE D 29 -3.27 -5.94 -12.09
N ASP D 30 -3.21 -5.08 -11.06
CA ASP D 30 -4.18 -3.99 -10.94
C ASP D 30 -4.33 -3.20 -12.26
N SER D 31 -3.19 -2.92 -12.91
CA SER D 31 -3.16 -2.20 -14.17
C SER D 31 -4.02 -2.80 -15.24
N ILE D 32 -3.96 -4.13 -15.38
CA ILE D 32 -4.75 -4.76 -16.41
C ILE D 32 -6.23 -4.46 -16.18
N TRP D 33 -6.72 -4.79 -15.00
CA TRP D 33 -8.07 -4.45 -14.65
C TRP D 33 -8.34 -2.98 -14.86
N LEU D 34 -7.42 -2.12 -14.48
CA LEU D 34 -7.71 -0.70 -14.64
C LEU D 34 -7.65 -0.22 -16.08
N ILE D 35 -6.82 -0.85 -16.89
CA ILE D 35 -6.87 -0.56 -18.30
C ILE D 35 -8.25 -0.92 -18.78
N ILE D 36 -8.77 -2.05 -18.32
CA ILE D 36 -10.09 -2.46 -18.78
C ILE D 36 -11.10 -1.42 -18.35
N ASP D 37 -11.22 -1.20 -17.06
CA ASP D 37 -12.26 -0.36 -16.54
C ASP D 37 -12.13 1.08 -17.04
N LEU D 38 -10.91 1.58 -17.19
CA LEU D 38 -10.71 2.98 -17.53
C LEU D 38 -10.69 3.29 -18.99
N ASN D 39 -10.16 2.36 -19.77
CA ASN D 39 -9.96 2.62 -21.20
C ASN D 39 -10.85 1.84 -22.14
N LEU D 40 -11.29 0.65 -21.74
CA LEU D 40 -11.99 -0.21 -22.67
C LEU D 40 -13.48 -0.24 -22.43
N LYS D 41 -13.87 -0.70 -21.25
CA LYS D 41 -15.28 -0.88 -20.93
C LYS D 41 -16.10 0.38 -21.22
N GLY D 42 -17.23 0.23 -21.89
CA GLY D 42 -18.10 1.36 -22.22
C GLY D 42 -17.78 2.05 -23.54
N VAL D 43 -16.62 1.70 -24.10
CA VAL D 43 -16.07 2.30 -25.33
C VAL D 43 -16.09 1.31 -26.51
N ILE D 44 -15.77 0.04 -26.27
CA ILE D 44 -15.92 -1.02 -27.26
C ILE D 44 -16.52 -2.25 -26.61
N PRO D 45 -17.26 -3.08 -27.40
CA PRO D 45 -17.75 -4.35 -26.86
C PRO D 45 -16.59 -5.29 -26.57
N LEU D 46 -16.65 -6.06 -25.51
CA LEU D 46 -15.50 -6.90 -25.23
C LEU D 46 -15.86 -8.34 -25.46
N ASN D 47 -14.89 -9.13 -25.87
CA ASN D 47 -15.04 -10.58 -25.85
C ASN D 47 -14.85 -11.06 -24.42
N ASP D 48 -15.20 -12.32 -24.20
CA ASP D 48 -14.89 -13.03 -23.00
C ASP D 48 -13.37 -13.16 -22.86
N LEU D 49 -12.64 -13.11 -23.99
CA LEU D 49 -11.19 -13.25 -23.93
C LEU D 49 -10.47 -12.07 -24.55
N LEU D 50 -9.47 -11.57 -23.82
CA LEU D 50 -8.81 -10.29 -24.07
C LEU D 50 -7.30 -10.54 -24.05
N HIS D 51 -6.57 -10.06 -25.04
CA HIS D 51 -5.12 -10.33 -25.10
C HIS D 51 -4.34 -9.13 -24.61
N PHE D 52 -3.42 -9.31 -23.69
CA PHE D 52 -2.50 -8.25 -23.41
C PHE D 52 -1.08 -8.71 -23.61
N ASP D 53 -0.33 -7.96 -24.42
CA ASP D 53 1.08 -8.22 -24.51
C ASP D 53 1.83 -7.28 -23.60
N LEU D 54 2.78 -7.81 -22.87
CA LEU D 54 3.63 -6.96 -22.06
C LEU D 54 4.98 -6.70 -22.74
N LEU D 55 5.13 -5.50 -23.28
CA LEU D 55 6.33 -5.11 -24.05
C LEU D 55 7.29 -4.17 -23.31
N ASN D 56 8.54 -4.20 -23.74
CA ASN D 56 9.52 -3.38 -23.10
C ASN D 56 9.67 -2.12 -23.87
N ASN D 57 9.23 -1.03 -23.28
CA ASN D 57 9.40 0.27 -23.89
C ASN D 57 10.50 0.98 -23.16
N ASN D 58 11.75 0.75 -23.55
CA ASN D 58 12.88 1.46 -22.91
C ASN D 58 12.91 1.30 -21.40
N GLY D 59 12.74 0.09 -20.92
CA GLY D 59 12.83 -0.17 -19.49
C GLY D 59 11.51 -0.05 -18.78
N LYS D 60 10.46 0.32 -19.48
CA LYS D 60 9.14 0.38 -18.82
C LYS D 60 8.12 -0.46 -19.58
N VAL D 61 7.08 -0.91 -18.88
CA VAL D 61 6.13 -1.80 -19.50
C VAL D 61 5.17 -1.02 -20.39
N THR D 62 4.92 -1.52 -21.59
CA THR D 62 3.79 -1.03 -22.39
C THR D 62 2.88 -2.19 -22.63
N VAL D 63 1.58 -1.96 -22.51
CA VAL D 63 0.62 -3.00 -22.70
C VAL D 63 -0.07 -2.82 -24.05
N HIS D 64 0.06 -3.83 -24.94
N HIS D 64 -0.01 -3.85 -24.90
CA HIS D 64 -0.73 -3.88 -26.18
CA HIS D 64 -0.68 -3.84 -26.21
C HIS D 64 -1.99 -4.65 -25.82
C HIS D 64 -1.96 -4.71 -26.13
N PHE D 65 -3.13 -4.08 -26.14
CA PHE D 65 -4.41 -4.77 -26.05
C PHE D 65 -4.92 -5.19 -27.44
N SER D 66 -5.42 -6.43 -27.58
CA SER D 66 -6.27 -6.80 -28.72
C SER D 66 -7.18 -7.96 -28.38
N GLN D 67 -8.01 -8.34 -29.35
CA GLN D 67 -9.00 -9.39 -29.19
C GLN D 67 -9.43 -9.94 -30.56
N GLU D 68 -9.79 -11.23 -30.62
CA GLU D 68 -10.06 -11.86 -31.91
C GLU D 68 -11.26 -11.15 -32.58
N ASN D 69 -11.23 -11.04 -33.91
CA ASN D 69 -12.31 -10.42 -34.70
C ASN D 69 -12.67 -8.96 -34.35
N SER D 70 -11.68 -8.20 -33.92
CA SER D 70 -11.81 -6.77 -33.87
C SER D 70 -10.45 -6.35 -34.30
N SER D 71 -10.43 -5.35 -35.18
CA SER D 71 -9.22 -4.74 -35.65
C SER D 71 -8.81 -3.64 -34.69
N VAL D 72 -9.62 -3.44 -33.66
CA VAL D 72 -9.42 -2.42 -32.65
C VAL D 72 -8.32 -2.79 -31.66
N GLU D 73 -7.20 -2.06 -31.68
CA GLU D 73 -6.10 -2.26 -30.70
C GLU D 73 -5.90 -0.99 -29.84
N MSE D 74 -5.01 -1.09 -28.86
CA MSE D 74 -4.62 0.03 -28.06
C MSE D 74 -3.29 -0.27 -27.40
O MSE D 74 -3.02 -1.42 -27.01
CB MSE D 74 -5.62 0.28 -26.97
CG MSE D 74 -5.20 1.43 -26.16
SE MSE D 74 -6.67 2.18 -25.17
CE MSE D 74 -6.10 4.07 -25.09
N ALA D 75 -2.46 0.78 -27.28
CA ALA D 75 -1.13 0.66 -26.68
C ALA D 75 -1.09 1.52 -25.42
N ILE D 76 -0.77 0.95 -24.27
CA ILE D 76 -0.82 1.74 -23.04
C ILE D 76 0.53 1.77 -22.37
N ASP D 77 1.17 2.93 -22.33
CA ASP D 77 2.47 2.99 -21.69
C ASP D 77 2.17 3.04 -20.22
N LEU D 78 2.93 2.30 -19.44
CA LEU D 78 2.72 2.23 -18.02
C LEU D 78 3.90 2.87 -17.31
N PRO D 79 3.68 3.34 -16.05
CA PRO D 79 4.82 3.85 -15.27
C PRO D 79 5.79 2.77 -14.76
N PHE D 80 5.36 1.51 -14.62
CA PHE D 80 6.18 0.46 -14.00
C PHE D 80 7.42 0.03 -14.78
N SER D 81 8.48 -0.29 -14.06
CA SER D 81 9.69 -0.83 -14.65
C SER D 81 9.44 -2.16 -15.32
N TYR D 82 10.17 -2.43 -16.39
CA TYR D 82 10.09 -3.73 -17.07
C TYR D 82 11.07 -4.76 -16.48
N SER D 83 10.72 -6.04 -16.59
CA SER D 83 11.60 -7.14 -16.23
C SER D 83 11.43 -8.29 -17.25
N THR D 84 12.53 -8.93 -17.68
CA THR D 84 12.36 -10.07 -18.59
C THR D 84 11.85 -11.30 -17.82
N ALA D 85 11.80 -11.16 -16.50
CA ALA D 85 11.14 -12.14 -15.66
C ALA D 85 9.66 -12.22 -15.96
N TYR D 86 9.08 -11.17 -16.55
CA TYR D 86 7.63 -11.08 -16.66
C TYR D 86 7.13 -11.91 -17.82
N PRO D 87 5.90 -12.41 -17.73
CA PRO D 87 5.36 -13.15 -18.88
C PRO D 87 5.12 -12.17 -20.02
N SER D 88 5.24 -12.63 -21.26
CA SER D 88 5.15 -11.69 -22.36
C SER D 88 3.73 -11.49 -22.82
N ARG D 89 2.86 -12.46 -22.59
CA ARG D 89 1.42 -12.21 -22.80
C ARG D 89 0.58 -12.72 -21.67
N ILE D 90 -0.55 -12.04 -21.41
CA ILE D 90 -1.56 -12.51 -20.47
C ILE D 90 -2.99 -12.30 -21.02
N PHE D 91 -3.91 -13.16 -20.63
CA PHE D 91 -5.27 -13.08 -21.10
C PHE D 91 -6.18 -12.64 -19.99
N ALA D 92 -7.28 -12.00 -20.33
CA ALA D 92 -8.30 -11.77 -19.31
C ALA D 92 -9.50 -12.52 -19.78
N PHE D 93 -10.03 -13.35 -18.90
CA PHE D 93 -11.13 -14.20 -19.24
C PHE D 93 -12.32 -13.96 -18.33
N ASP D 94 -13.46 -13.74 -18.98
CA ASP D 94 -14.69 -13.54 -18.28
C ASP D 94 -15.59 -14.73 -18.54
N ASP D 95 -15.70 -15.62 -17.57
CA ASP D 95 -16.44 -16.87 -17.76
C ASP D 95 -17.94 -16.66 -17.53
N GLY D 96 -18.31 -15.45 -17.12
CA GLY D 96 -19.70 -15.04 -17.11
C GLY D 96 -20.23 -14.81 -15.72
N HIS D 97 -19.51 -15.32 -14.72
CA HIS D 97 -19.69 -14.89 -13.34
C HIS D 97 -18.36 -14.60 -12.66
N ARG D 98 -17.30 -15.20 -13.19
CA ARG D 98 -15.96 -15.01 -12.63
C ARG D 98 -14.98 -14.52 -13.70
N GLU D 99 -14.23 -13.48 -13.35
CA GLU D 99 -13.26 -12.91 -14.27
C GLU D 99 -11.87 -13.20 -13.77
N THR D 100 -10.99 -13.55 -14.70
CA THR D 100 -9.65 -14.02 -14.36
C THR D 100 -8.57 -13.52 -15.31
N ILE D 101 -7.43 -13.15 -14.77
CA ILE D 101 -6.23 -12.87 -15.52
C ILE D 101 -5.32 -14.09 -15.40
N LEU D 102 -4.93 -14.65 -16.54
CA LEU D 102 -4.16 -15.89 -16.52
C LEU D 102 -3.15 -15.94 -17.67
N LEU D 103 -2.22 -16.89 -17.60
CA LEU D 103 -1.27 -17.07 -18.68
C LEU D 103 -1.85 -18.02 -19.72
N PRO D 104 -1.55 -17.75 -20.99
CA PRO D 104 -2.02 -18.59 -22.09
C PRO D 104 -1.87 -20.08 -21.77
N ALA D 105 -0.75 -20.45 -21.16
CA ALA D 105 -0.48 -21.84 -20.83
C ALA D 105 -1.52 -22.39 -19.85
N GLU D 106 -2.26 -21.48 -19.22
CA GLU D 106 -3.18 -21.87 -18.15
C GLU D 106 -4.62 -21.89 -18.64
N MSE D 107 -4.82 -21.55 -19.90
CA MSE D 107 -6.09 -21.81 -20.58
C MSE D 107 -6.35 -23.30 -20.69
O MSE D 107 -5.50 -24.13 -20.35
CB MSE D 107 -6.09 -21.17 -21.97
CG MSE D 107 -6.36 -19.68 -21.96
SE MSE D 107 -7.95 -19.20 -20.95
CE MSE D 107 -9.30 -20.02 -22.10
N LEU D 108 -7.55 -23.65 -21.17
CA LEU D 108 -8.01 -25.04 -21.12
C LEU D 108 -8.30 -25.56 -22.53
#